data_4MHT
#
_entry.id   4MHT
#
_cell.length_a   99.860
_cell.length_b   99.860
_cell.length_c   325.200
_cell.angle_alpha   90.00
_cell.angle_beta   90.00
_cell.angle_gamma   120.00
#
_symmetry.space_group_name_H-M   'H 3 2'
#
loop_
_entity.id
_entity.type
_entity.pdbx_description
1 polymer "DNA (5'-D(*GP*AP*TP*AP*GP*(5CM)P*GP*CP*TP*AP*TP*C)-3')"
2 polymer "DNA (5'-D(*TP*GP*AP*TP*AP*GP*(5CM)P*GP*CP*TP*AP*TP*C)-3')"
3 polymer 'PROTEIN (HHAI METHYLTRANSFERASE (E.C.2.1.1.73))'
4 non-polymer S-ADENOSYL-L-HOMOCYSTEINE
5 water water
#
loop_
_entity_poly.entity_id
_entity_poly.type
_entity_poly.pdbx_seq_one_letter_code
_entity_poly.pdbx_strand_id
1 'polydeoxyribonucleotide' (DG)(DA)(DT)(DA)(DG)(5CM)(DG)(DC)(DT)(DA)(DT)(DC) C
2 'polydeoxyribonucleotide' (DT)(DG)(DA)(DT)(DA)(DG)(5CM)(DG)(DC)(DT)(DA)(DT)(DC) D
3 'polypeptide(L)'
;MIEIKDKQLTGLRFIDLFAGLGGFRLALESCGAECVYSNEWDKYAQEVYEMNFGEKPEGDITQVNEKTIPDHDILCAGFP
CQAFSISGKQKGFEDSRGTLFFDIARIVREKKPKVVFMENVKNFASHDNGNTLEVVKNTMNELDYSFHAKVLNALDYGIP
QKRERIYMICFRNDLNIQNFQFPKPFELNTFVKDLLLPDSEVEHLVIDRKDLVMTNQEIEQTTPKTVRLGIVGKGGQGER
IYSTRGIAITLSAYGGGIFAKTGGYLVNGKTRKLHPRECARVMGYPDSYKVHPSTSQAYKQFGNSVVINVLQYIAYNIGS
SLNFKPY
;
A
#
# COMPACT_ATOMS: atom_id res chain seq x y z
N MET C 1 11.82 -2.33 4.26
CA MET C 1 11.38 -3.70 4.59
C MET C 1 12.29 -4.28 5.66
N ILE C 2 11.89 -5.41 6.24
CA ILE C 2 12.66 -6.05 7.28
C ILE C 2 13.15 -7.36 6.74
N GLU C 3 14.22 -7.88 7.31
CA GLU C 3 14.75 -9.16 6.89
C GLU C 3 13.94 -10.25 7.60
N ILE C 4 13.57 -11.29 6.86
CA ILE C 4 12.81 -12.41 7.40
C ILE C 4 13.59 -13.68 7.04
N LYS C 5 14.22 -14.30 8.04
CA LYS C 5 14.99 -15.54 7.81
C LYS C 5 14.17 -16.83 7.88
N ASP C 6 13.02 -16.75 8.53
CA ASP C 6 12.12 -17.89 8.64
C ASP C 6 11.14 -17.77 7.47
N LYS C 7 11.56 -18.28 6.32
CA LYS C 7 10.77 -18.21 5.11
C LYS C 7 9.55 -19.12 4.99
N GLN C 8 8.49 -18.78 5.71
CA GLN C 8 7.26 -19.56 5.71
C GLN C 8 6.62 -19.92 4.38
N LEU C 9 6.68 -19.03 3.41
CA LEU C 9 6.02 -19.29 2.13
C LEU C 9 6.89 -19.92 1.03
N THR C 10 8.04 -20.47 1.41
CA THR C 10 8.98 -21.05 0.45
C THR C 10 8.50 -21.79 -0.81
N GLY C 11 7.64 -22.78 -0.69
CA GLY C 11 7.24 -23.47 -1.90
C GLY C 11 6.06 -22.94 -2.71
N LEU C 12 5.33 -21.96 -2.18
CA LEU C 12 4.12 -21.43 -2.81
C LEU C 12 4.30 -20.47 -4.00
N ARG C 13 3.27 -20.42 -4.84
CA ARG C 13 3.23 -19.58 -6.04
C ARG C 13 2.09 -18.56 -5.93
N PHE C 14 2.33 -17.32 -6.33
CA PHE C 14 1.29 -16.30 -6.27
C PHE C 14 1.27 -15.40 -7.49
N ILE C 15 0.15 -14.73 -7.70
CA ILE C 15 -0.02 -13.79 -8.80
C ILE C 15 -0.17 -12.38 -8.23
N ASP C 16 0.45 -11.43 -8.91
CA ASP C 16 0.47 -10.05 -8.50
C ASP C 16 -0.54 -9.19 -9.29
N LEU C 17 -1.83 -9.35 -9.05
CA LEU C 17 -2.79 -8.55 -9.80
C LEU C 17 -2.62 -7.10 -9.40
N PHE C 18 -2.92 -6.17 -10.31
CA PHE C 18 -2.78 -4.72 -10.08
C PHE C 18 -1.41 -4.45 -9.48
N ALA C 19 -0.39 -4.89 -10.19
CA ALA C 19 0.99 -4.80 -9.75
C ALA C 19 1.53 -3.50 -9.19
N GLY C 20 1.31 -2.40 -9.90
CA GLY C 20 1.86 -1.14 -9.45
C GLY C 20 3.35 -1.30 -9.38
N LEU C 21 3.96 -0.83 -8.30
CA LEU C 21 5.39 -0.93 -8.13
C LEU C 21 5.87 -2.34 -7.81
N GLY C 22 4.96 -3.20 -7.36
CA GLY C 22 5.35 -4.56 -7.02
C GLY C 22 5.49 -4.80 -5.51
N GLY C 23 4.92 -3.93 -4.70
CA GLY C 23 5.00 -4.09 -3.27
C GLY C 23 4.64 -5.49 -2.85
N PHE C 24 3.55 -6.02 -3.36
CA PHE C 24 3.16 -7.37 -2.98
C PHE C 24 4.23 -8.39 -3.32
N ARG C 25 4.97 -8.15 -4.40
CA ARG C 25 6.05 -9.05 -4.79
C ARG C 25 7.02 -9.03 -3.63
N LEU C 26 7.74 -7.92 -3.50
CA LEU C 26 8.71 -7.75 -2.45
C LEU C 26 8.29 -8.43 -1.15
N ALA C 27 7.06 -8.14 -0.72
CA ALA C 27 6.53 -8.69 0.52
C ALA C 27 6.56 -10.22 0.48
N LEU C 28 5.82 -10.85 -0.41
CA LEU C 28 5.81 -12.30 -0.47
C LEU C 28 7.16 -12.95 -0.80
N GLU C 29 7.95 -12.35 -1.67
CA GLU C 29 9.28 -12.92 -2.04
C GLU C 29 10.24 -12.98 -0.87
N SER C 30 10.18 -11.99 0.00
CA SER C 30 11.05 -12.01 1.15
C SER C 30 10.65 -13.16 2.06
N CYS C 31 9.51 -13.77 1.79
CA CYS C 31 9.00 -14.90 2.58
C CYS C 31 9.19 -16.24 1.87
N GLY C 32 9.95 -16.23 0.77
CA GLY C 32 10.21 -17.46 0.04
C GLY C 32 9.33 -17.83 -1.13
N ALA C 33 8.15 -17.22 -1.28
CA ALA C 33 7.22 -17.56 -2.39
C ALA C 33 7.73 -17.07 -3.73
N GLU C 34 7.11 -17.53 -4.82
CA GLU C 34 7.54 -17.09 -6.14
C GLU C 34 6.39 -16.57 -7.02
N CYS C 35 6.67 -15.49 -7.74
CA CYS C 35 5.69 -14.85 -8.60
C CYS C 35 5.62 -15.49 -9.98
N VAL C 36 4.46 -16.01 -10.31
CA VAL C 36 4.26 -16.67 -11.58
C VAL C 36 3.56 -15.82 -12.63
N TYR C 37 2.81 -14.82 -12.17
CA TYR C 37 2.05 -13.91 -13.04
C TYR C 37 1.97 -12.51 -12.42
N SER C 38 1.90 -11.49 -13.26
CA SER C 38 1.76 -10.13 -12.75
C SER C 38 0.90 -9.42 -13.77
N ASN C 39 0.06 -8.51 -13.32
CA ASN C 39 -0.81 -7.80 -14.25
C ASN C 39 -0.92 -6.33 -13.85
N GLU C 40 -0.72 -5.44 -14.82
CA GLU C 40 -0.78 -3.98 -14.61
C GLU C 40 -0.82 -3.27 -15.95
N TRP C 41 -1.84 -2.44 -16.16
CA TRP C 41 -2.01 -1.77 -17.44
C TRP C 41 -1.34 -0.42 -17.67
N ASP C 42 -0.95 0.25 -16.60
CA ASP C 42 -0.31 1.56 -16.74
C ASP C 42 1.06 1.46 -17.38
N LYS C 43 1.25 2.20 -18.46
CA LYS C 43 2.51 2.22 -19.19
C LYS C 43 3.72 2.51 -18.32
N TYR C 44 3.61 3.49 -17.42
CA TYR C 44 4.73 3.88 -16.54
C TYR C 44 5.05 2.91 -15.43
N ALA C 45 4.02 2.27 -14.88
CA ALA C 45 4.20 1.30 -13.81
C ALA C 45 4.87 0.08 -14.39
N GLN C 46 4.46 -0.31 -15.59
CA GLN C 46 5.06 -1.46 -16.26
C GLN C 46 6.55 -1.23 -16.42
N GLU C 47 6.95 0.00 -16.74
CA GLU C 47 8.37 0.29 -16.89
C GLU C 47 9.13 0.13 -15.59
N VAL C 48 8.60 0.64 -14.48
CA VAL C 48 9.31 0.49 -13.23
C VAL C 48 9.36 -0.97 -12.85
N TYR C 49 8.25 -1.68 -13.05
CA TYR C 49 8.19 -3.09 -12.74
C TYR C 49 9.33 -3.79 -13.46
N GLU C 50 9.33 -3.71 -14.78
CA GLU C 50 10.36 -4.32 -15.62
C GLU C 50 11.77 -3.93 -15.21
N MET C 51 11.97 -2.66 -14.87
CA MET C 51 13.27 -2.19 -14.46
C MET C 51 13.74 -2.91 -13.18
N ASN C 52 12.78 -3.31 -12.34
CA ASN C 52 13.09 -3.97 -11.07
C ASN C 52 12.87 -5.49 -10.95
N PHE C 53 12.11 -6.11 -11.85
CA PHE C 53 11.86 -7.56 -11.76
C PHE C 53 12.15 -8.28 -13.05
N GLY C 54 12.38 -7.52 -14.12
CA GLY C 54 12.69 -8.11 -15.40
C GLY C 54 11.51 -8.64 -16.17
N GLU C 55 10.31 -8.51 -15.62
CA GLU C 55 9.10 -8.99 -16.26
C GLU C 55 8.24 -7.78 -16.56
N LYS C 56 7.50 -7.86 -17.65
CA LYS C 56 6.57 -6.78 -18.02
C LYS C 56 5.21 -7.42 -17.84
N PRO C 57 4.37 -6.84 -17.00
CA PRO C 57 3.04 -7.34 -16.72
C PRO C 57 2.11 -7.38 -17.93
N GLU C 58 1.06 -8.18 -17.82
CA GLU C 58 0.06 -8.32 -18.87
C GLU C 58 -0.82 -7.08 -18.75
N GLY C 59 -1.63 -6.79 -19.77
CA GLY C 59 -2.47 -5.62 -19.73
C GLY C 59 -3.84 -5.76 -19.11
N ASP C 60 -4.73 -4.82 -19.42
CA ASP C 60 -6.14 -4.73 -18.94
C ASP C 60 -6.76 -6.04 -18.43
N ILE C 61 -6.72 -6.24 -17.11
CA ILE C 61 -7.24 -7.45 -16.47
C ILE C 61 -8.67 -7.72 -16.88
N THR C 62 -9.37 -6.67 -17.29
CA THR C 62 -10.77 -6.76 -17.69
C THR C 62 -10.95 -7.63 -18.92
N GLN C 63 -10.00 -7.58 -19.84
CA GLN C 63 -10.11 -8.42 -21.03
C GLN C 63 -9.09 -9.57 -21.00
N VAL C 64 -8.92 -10.18 -19.83
CA VAL C 64 -8.01 -11.29 -19.69
C VAL C 64 -8.84 -12.53 -19.38
N ASN C 65 -8.89 -13.47 -20.31
CA ASN C 65 -9.64 -14.70 -20.09
C ASN C 65 -9.01 -15.37 -18.88
N GLU C 66 -9.74 -15.40 -17.76
CA GLU C 66 -9.26 -15.99 -16.51
C GLU C 66 -8.59 -17.35 -16.63
N LYS C 67 -9.06 -18.17 -17.56
CA LYS C 67 -8.49 -19.50 -17.75
C LYS C 67 -6.99 -19.43 -18.09
N THR C 68 -6.54 -18.29 -18.60
CA THR C 68 -5.14 -18.07 -18.99
C THR C 68 -4.20 -17.85 -17.81
N ILE C 69 -4.78 -17.57 -16.66
CA ILE C 69 -4.00 -17.31 -15.48
C ILE C 69 -3.43 -18.61 -14.90
N PRO C 70 -2.10 -18.68 -14.73
CA PRO C 70 -1.33 -19.82 -14.20
C PRO C 70 -1.79 -20.32 -12.86
N ASP C 71 -1.64 -21.63 -12.64
CA ASP C 71 -2.02 -22.25 -11.38
C ASP C 71 -1.28 -21.46 -10.29
N HIS C 72 -1.99 -21.04 -9.24
CA HIS C 72 -1.36 -20.28 -8.15
C HIS C 72 -1.97 -20.64 -6.79
N ASP C 73 -1.26 -20.32 -5.72
CA ASP C 73 -1.71 -20.61 -4.36
C ASP C 73 -2.19 -19.39 -3.63
N ILE C 74 -1.57 -18.24 -3.91
CA ILE C 74 -1.93 -16.98 -3.29
C ILE C 74 -2.26 -15.94 -4.35
N LEU C 75 -3.38 -15.24 -4.20
CA LEU C 75 -3.76 -14.21 -5.15
C LEU C 75 -3.64 -12.89 -4.40
N CYS C 76 -2.75 -12.02 -4.86
CA CYS C 76 -2.55 -10.72 -4.22
C CYS C 76 -3.15 -9.62 -5.08
N ALA C 77 -3.89 -8.72 -4.46
CA ALA C 77 -4.50 -7.65 -5.22
C ALA C 77 -4.76 -6.42 -4.40
N GLY C 78 -4.12 -5.33 -4.77
CA GLY C 78 -4.34 -4.05 -4.10
C GLY C 78 -5.19 -3.31 -5.12
N PHE C 79 -6.45 -3.70 -5.27
CA PHE C 79 -7.32 -3.08 -6.26
C PHE C 79 -7.53 -1.58 -6.07
N PRO C 80 -7.88 -0.86 -7.16
CA PRO C 80 -8.10 0.58 -7.19
C PRO C 80 -9.01 1.06 -6.09
N CYS C 81 -8.75 2.27 -5.59
CA CYS C 81 -9.54 2.82 -4.50
C CYS C 81 -10.07 4.25 -4.67
N GLN C 82 -10.04 4.80 -5.89
CA GLN C 82 -10.54 6.16 -6.06
C GLN C 82 -12.02 6.14 -5.70
N ALA C 83 -12.67 5.04 -6.06
CA ALA C 83 -14.09 4.89 -5.81
C ALA C 83 -14.55 4.66 -4.37
N PHE C 84 -13.63 4.51 -3.41
CA PHE C 84 -14.05 4.29 -2.02
C PHE C 84 -13.36 5.20 -1.02
N SER C 85 -12.29 5.84 -1.45
CA SER C 85 -11.51 6.74 -0.59
C SER C 85 -12.34 7.87 -0.02
N ILE C 86 -11.96 8.30 1.17
CA ILE C 86 -12.66 9.38 1.82
C ILE C 86 -12.32 10.65 1.06
N SER C 87 -11.34 10.58 0.17
CA SER C 87 -10.89 11.73 -0.60
C SER C 87 -11.59 11.99 -1.91
N GLY C 88 -12.56 11.16 -2.30
CA GLY C 88 -13.23 11.40 -3.57
C GLY C 88 -14.74 11.43 -3.53
N LYS C 89 -15.34 11.27 -4.68
CA LYS C 89 -16.79 11.25 -4.81
C LYS C 89 -17.01 9.76 -4.70
N GLN C 90 -17.47 9.35 -3.54
CA GLN C 90 -17.66 7.94 -3.24
C GLN C 90 -18.67 7.14 -4.06
N LYS C 91 -18.48 7.08 -5.37
CA LYS C 91 -19.44 6.38 -6.21
C LYS C 91 -19.48 4.85 -6.14
N GLY C 92 -18.77 4.29 -5.16
CA GLY C 92 -18.76 2.84 -4.99
C GLY C 92 -18.73 2.05 -6.28
N PHE C 93 -19.50 0.96 -6.34
CA PHE C 93 -19.55 0.10 -7.53
C PHE C 93 -20.14 0.79 -8.75
N GLU C 94 -20.72 1.97 -8.59
CA GLU C 94 -21.32 2.67 -9.72
C GLU C 94 -20.27 3.39 -10.56
N ASP C 95 -19.08 3.54 -9.99
CA ASP C 95 -17.94 4.18 -10.64
C ASP C 95 -17.25 3.18 -11.57
N SER C 96 -16.86 3.63 -12.74
CA SER C 96 -16.18 2.76 -13.71
C SER C 96 -14.94 2.03 -13.16
N ARG C 97 -14.34 2.56 -12.10
CA ARG C 97 -13.16 1.94 -11.50
C ARG C 97 -13.49 1.27 -10.16
N GLY C 98 -14.75 0.91 -9.93
CA GLY C 98 -15.13 0.30 -8.67
C GLY C 98 -15.58 -1.16 -8.74
N THR C 99 -15.55 -1.71 -9.94
CA THR C 99 -15.97 -3.08 -10.17
C THR C 99 -14.87 -4.12 -10.33
N LEU C 100 -13.62 -3.69 -10.21
CA LEU C 100 -12.46 -4.58 -10.32
C LEU C 100 -12.53 -5.77 -9.38
N PHE C 101 -13.14 -5.57 -8.22
CA PHE C 101 -13.26 -6.66 -7.27
C PHE C 101 -13.94 -7.83 -7.90
N PHE C 102 -14.97 -7.55 -8.69
CA PHE C 102 -15.71 -8.61 -9.33
C PHE C 102 -14.84 -9.33 -10.31
N ASP C 103 -13.80 -8.64 -10.78
CA ASP C 103 -12.83 -9.26 -11.69
C ASP C 103 -11.99 -10.21 -10.86
N ILE C 104 -11.65 -9.78 -9.64
CA ILE C 104 -10.88 -10.63 -8.74
C ILE C 104 -11.74 -11.89 -8.55
N ALA C 105 -13.00 -11.68 -8.17
CA ALA C 105 -13.95 -12.78 -7.93
C ALA C 105 -14.08 -13.75 -9.08
N ARG C 106 -14.01 -13.29 -10.32
CA ARG C 106 -14.12 -14.28 -11.38
C ARG C 106 -12.82 -15.02 -11.57
N ILE C 107 -11.71 -14.39 -11.22
CA ILE C 107 -10.41 -15.07 -11.34
C ILE C 107 -10.36 -16.12 -10.25
N VAL C 108 -10.88 -15.77 -9.08
CA VAL C 108 -10.94 -16.68 -7.94
C VAL C 108 -11.87 -17.87 -8.20
N ARG C 109 -13.07 -17.60 -8.69
CA ARG C 109 -14.04 -18.66 -8.98
C ARG C 109 -13.45 -19.79 -9.82
N GLU C 110 -12.70 -19.42 -10.86
CA GLU C 110 -12.08 -20.37 -11.76
C GLU C 110 -10.81 -21.03 -11.22
N LYS C 111 -9.84 -20.22 -10.82
CA LYS C 111 -8.55 -20.68 -10.33
C LYS C 111 -8.47 -21.26 -8.91
N LYS C 112 -9.40 -20.89 -8.05
CA LYS C 112 -9.46 -21.34 -6.66
C LYS C 112 -8.15 -21.43 -5.88
N PRO C 113 -7.46 -20.30 -5.66
CA PRO C 113 -6.20 -20.33 -4.91
C PRO C 113 -6.42 -20.56 -3.42
N LYS C 114 -5.44 -21.15 -2.75
CA LYS C 114 -5.59 -21.42 -1.32
C LYS C 114 -5.85 -20.13 -0.52
N VAL C 115 -5.17 -19.06 -0.90
CA VAL C 115 -5.29 -17.76 -0.21
C VAL C 115 -5.54 -16.57 -1.17
N VAL C 116 -6.35 -15.62 -0.71
CA VAL C 116 -6.65 -14.39 -1.45
C VAL C 116 -6.24 -13.33 -0.43
N PHE C 117 -5.31 -12.48 -0.83
CA PHE C 117 -4.76 -11.44 0.01
C PHE C 117 -5.06 -10.12 -0.72
N MET C 118 -6.00 -9.33 -0.21
CA MET C 118 -6.36 -8.06 -0.84
C MET C 118 -6.10 -6.85 0.06
N GLU C 119 -6.10 -5.65 -0.53
CA GLU C 119 -5.86 -4.42 0.23
C GLU C 119 -6.62 -3.25 -0.35
N ASN C 120 -7.00 -2.33 0.52
CA ASN C 120 -7.69 -1.13 0.10
C ASN C 120 -7.68 -0.11 1.23
N VAL C 121 -8.40 1.01 1.09
CA VAL C 121 -8.39 2.06 2.09
C VAL C 121 -9.36 1.89 3.26
N LYS C 122 -9.06 2.53 4.38
CA LYS C 122 -9.88 2.46 5.59
C LYS C 122 -11.35 2.71 5.42
N ASN C 123 -11.69 3.55 4.46
CA ASN C 123 -13.08 3.88 4.26
C ASN C 123 -13.85 2.80 3.52
N PHE C 124 -13.15 1.82 2.95
CA PHE C 124 -13.80 0.72 2.21
C PHE C 124 -14.64 -0.06 3.21
N ALA C 125 -14.23 0.01 4.47
CA ALA C 125 -14.91 -0.69 5.55
C ALA C 125 -16.22 -0.01 5.91
N SER C 126 -16.27 1.32 5.84
CA SER C 126 -17.47 2.07 6.21
C SER C 126 -18.38 2.46 5.06
N HIS C 127 -17.80 2.55 3.87
CA HIS C 127 -18.51 2.97 2.67
C HIS C 127 -19.90 2.40 2.51
N ASP C 128 -20.84 3.27 2.14
CA ASP C 128 -22.24 2.91 1.92
C ASP C 128 -22.81 2.11 3.08
N ASN C 129 -22.59 2.58 4.30
CA ASN C 129 -23.07 1.90 5.49
C ASN C 129 -22.57 0.47 5.55
N GLY C 130 -21.32 0.27 5.13
CA GLY C 130 -20.72 -1.05 5.17
C GLY C 130 -21.32 -2.05 4.21
N ASN C 131 -22.08 -1.60 3.24
CA ASN C 131 -22.66 -2.53 2.30
C ASN C 131 -21.63 -3.07 1.32
N THR C 132 -20.63 -2.28 0.96
CA THR C 132 -19.63 -2.79 -0.01
C THR C 132 -18.79 -3.91 0.56
N LEU C 133 -18.39 -3.75 1.82
CA LEU C 133 -17.59 -4.75 2.49
C LEU C 133 -18.45 -5.99 2.56
N GLU C 134 -19.72 -5.79 2.90
CA GLU C 134 -20.65 -6.90 2.99
C GLU C 134 -20.74 -7.62 1.64
N VAL C 135 -20.84 -6.89 0.54
CA VAL C 135 -20.88 -7.54 -0.76
C VAL C 135 -19.62 -8.36 -0.95
N VAL C 136 -18.48 -7.79 -0.55
CA VAL C 136 -17.18 -8.47 -0.69
C VAL C 136 -17.10 -9.69 0.24
N LYS C 137 -17.66 -9.56 1.44
CA LYS C 137 -17.66 -10.66 2.39
C LYS C 137 -18.50 -11.79 1.82
N ASN C 138 -19.77 -11.50 1.54
CA ASN C 138 -20.71 -12.47 0.99
C ASN C 138 -20.30 -13.08 -0.34
N THR C 139 -19.61 -12.31 -1.16
CA THR C 139 -19.17 -12.84 -2.45
C THR C 139 -18.08 -13.83 -2.17
N MET C 140 -17.15 -13.49 -1.26
CA MET C 140 -16.06 -14.41 -0.92
C MET C 140 -16.60 -15.67 -0.26
N ASN C 141 -17.48 -15.51 0.74
CA ASN C 141 -18.08 -16.64 1.46
C ASN C 141 -18.76 -17.61 0.50
N GLU C 142 -19.41 -17.07 -0.53
CA GLU C 142 -20.11 -17.87 -1.52
C GLU C 142 -19.18 -18.71 -2.40
N LEU C 143 -17.92 -18.31 -2.51
CA LEU C 143 -16.94 -19.04 -3.32
C LEU C 143 -16.10 -20.04 -2.48
N ASP C 144 -16.58 -20.30 -1.27
CA ASP C 144 -15.96 -21.24 -0.33
C ASP C 144 -14.67 -20.75 0.35
N TYR C 145 -14.68 -19.51 0.84
CA TYR C 145 -13.53 -18.92 1.53
C TYR C 145 -13.94 -18.28 2.83
N SER C 146 -13.02 -18.23 3.78
CA SER C 146 -13.32 -17.59 5.05
C SER C 146 -12.88 -16.16 4.82
N PHE C 147 -13.49 -15.20 5.50
CA PHE C 147 -13.14 -13.81 5.28
C PHE C 147 -12.64 -13.14 6.55
N HIS C 148 -11.35 -12.80 6.58
CA HIS C 148 -10.74 -12.13 7.74
C HIS C 148 -10.33 -10.74 7.33
N ALA C 149 -10.64 -9.73 8.12
CA ALA C 149 -10.26 -8.36 7.75
C ALA C 149 -10.09 -7.42 8.94
N LYS C 150 -9.18 -6.46 8.82
CA LYS C 150 -8.91 -5.54 9.93
C LYS C 150 -8.21 -4.30 9.41
N VAL C 151 -8.50 -3.14 10.00
CA VAL C 151 -7.85 -1.91 9.60
C VAL C 151 -6.57 -1.82 10.41
N LEU C 152 -5.43 -1.76 9.73
CA LEU C 152 -4.13 -1.66 10.41
C LEU C 152 -3.41 -0.38 9.97
N ASN C 153 -2.95 0.41 10.93
CA ASN C 153 -2.22 1.65 10.64
C ASN C 153 -0.73 1.40 10.67
N ALA C 154 -0.05 1.68 9.55
CA ALA C 154 1.39 1.45 9.39
C ALA C 154 2.32 1.90 10.52
N LEU C 155 1.98 2.99 11.19
CA LEU C 155 2.79 3.53 12.29
C LEU C 155 2.88 2.58 13.48
N ASP C 156 2.01 1.57 13.48
CA ASP C 156 2.02 0.55 14.51
C ASP C 156 2.92 -0.62 14.04
N TYR C 157 3.53 -0.48 12.86
CA TYR C 157 4.38 -1.54 12.33
C TYR C 157 5.76 -1.15 11.89
N GLY C 158 6.30 -0.11 12.51
CA GLY C 158 7.65 0.34 12.23
C GLY C 158 7.91 1.45 11.23
N ILE C 159 6.90 1.83 10.47
CA ILE C 159 7.03 2.86 9.45
C ILE C 159 6.39 4.17 9.92
N PRO C 160 7.12 5.28 9.79
CA PRO C 160 6.60 6.58 10.22
C PRO C 160 5.62 7.23 9.28
N GLN C 161 4.47 6.62 9.07
CA GLN C 161 3.45 7.18 8.19
C GLN C 161 2.10 6.71 8.64
N LYS C 162 1.13 7.61 8.59
CA LYS C 162 -0.24 7.32 9.01
C LYS C 162 -1.08 6.79 7.86
N ARG C 163 -0.71 5.62 7.35
CA ARG C 163 -1.47 5.06 6.26
C ARG C 163 -2.36 3.97 6.82
N GLU C 164 -3.63 4.31 7.03
CA GLU C 164 -4.63 3.39 7.56
C GLU C 164 -5.29 2.58 6.46
N ARG C 165 -4.91 1.31 6.30
CA ARG C 165 -5.51 0.49 5.27
C ARG C 165 -6.27 -0.71 5.82
N ILE C 166 -7.16 -1.27 5.03
CA ILE C 166 -7.93 -2.44 5.43
C ILE C 166 -7.31 -3.59 4.68
N TYR C 167 -7.01 -4.67 5.38
CA TYR C 167 -6.42 -5.84 4.75
C TYR C 167 -7.37 -7.00 4.87
N MET C 168 -7.67 -7.64 3.75
CA MET C 168 -8.60 -8.76 3.73
C MET C 168 -7.87 -10.02 3.32
N ILE C 169 -7.78 -10.96 4.26
CA ILE C 169 -7.11 -12.24 4.03
C ILE C 169 -8.20 -13.32 3.95
N CYS C 170 -8.23 -14.06 2.86
CA CYS C 170 -9.22 -15.10 2.68
C CYS C 170 -8.55 -16.45 2.45
N PHE C 171 -9.04 -17.48 3.14
CA PHE C 171 -8.50 -18.86 3.04
C PHE C 171 -9.54 -19.85 2.47
N ARG C 172 -9.13 -20.76 1.60
CA ARG C 172 -10.05 -21.75 1.06
C ARG C 172 -10.58 -22.59 2.26
N ASN C 173 -11.90 -22.78 2.30
CA ASN C 173 -12.55 -23.56 3.37
C ASN C 173 -12.00 -24.97 3.66
N ASP C 174 -11.39 -25.60 2.65
CA ASP C 174 -10.83 -26.96 2.77
C ASP C 174 -9.87 -26.97 3.95
N LEU C 175 -8.88 -26.11 3.81
CA LEU C 175 -7.78 -26.09 4.73
C LEU C 175 -8.06 -25.75 6.20
N ASN C 176 -9.29 -25.87 6.66
CA ASN C 176 -9.63 -25.50 8.07
C ASN C 176 -8.59 -24.65 8.77
N ILE C 177 -8.27 -23.46 8.23
CA ILE C 177 -7.26 -22.57 8.86
C ILE C 177 -8.04 -21.83 9.93
N GLN C 178 -7.78 -22.15 11.19
CA GLN C 178 -8.50 -21.50 12.27
C GLN C 178 -7.58 -20.88 13.30
N ASN C 179 -6.38 -20.52 12.89
CA ASN C 179 -5.40 -19.91 13.78
C ASN C 179 -4.74 -18.70 13.13
N PHE C 180 -5.41 -18.07 12.18
CA PHE C 180 -4.82 -16.90 11.56
C PHE C 180 -5.03 -15.73 12.50
N GLN C 181 -4.10 -14.79 12.48
CA GLN C 181 -4.18 -13.63 13.32
C GLN C 181 -3.35 -12.53 12.68
N PHE C 182 -3.73 -11.28 12.91
CA PHE C 182 -3.01 -10.13 12.35
C PHE C 182 -1.88 -9.78 13.29
N PRO C 183 -0.73 -9.42 12.72
CA PRO C 183 0.44 -9.07 13.52
C PRO C 183 0.12 -8.12 14.63
N LYS C 184 0.71 -8.37 15.78
CA LYS C 184 0.53 -7.53 16.93
C LYS C 184 1.30 -6.25 16.68
N PRO C 185 0.73 -5.11 17.08
CA PRO C 185 1.39 -3.81 16.92
C PRO C 185 2.64 -3.72 17.79
N PHE C 186 3.40 -2.65 17.62
CA PHE C 186 4.59 -2.41 18.45
C PHE C 186 5.05 -0.97 18.39
N GLU C 187 5.72 -0.52 19.45
CA GLU C 187 6.20 0.87 19.59
C GLU C 187 7.02 1.41 18.43
N LEU C 188 6.66 2.60 17.97
CA LEU C 188 7.36 3.25 16.87
C LEU C 188 8.70 3.85 17.30
N ASN C 189 9.75 3.50 16.55
CA ASN C 189 11.13 3.96 16.82
C ASN C 189 11.81 4.70 15.66
N THR C 190 11.07 4.94 14.59
CA THR C 190 11.60 5.66 13.44
C THR C 190 10.61 6.74 13.02
N PHE C 191 11.10 7.96 12.84
CA PHE C 191 10.26 9.08 12.44
C PHE C 191 10.73 9.67 11.11
N VAL C 192 9.95 10.58 10.54
CA VAL C 192 10.30 11.15 9.26
C VAL C 192 11.74 11.64 9.22
N LYS C 193 12.14 12.43 10.21
CA LYS C 193 13.50 12.99 10.28
C LYS C 193 14.61 11.98 10.08
N ASP C 194 14.34 10.72 10.41
CA ASP C 194 15.34 9.66 10.30
C ASP C 194 15.49 9.16 8.89
N LEU C 195 14.51 9.45 8.04
CA LEU C 195 14.53 8.98 6.66
C LEU C 195 14.95 10.02 5.64
N LEU C 196 14.91 11.29 6.03
CA LEU C 196 15.24 12.37 5.13
C LEU C 196 16.61 12.25 4.46
N LEU C 197 16.71 12.70 3.21
CA LEU C 197 17.97 12.67 2.47
C LEU C 197 18.78 13.90 2.87
N PRO C 198 20.09 13.85 2.62
CA PRO C 198 20.92 14.99 2.97
C PRO C 198 20.46 16.21 2.19
N ASP C 199 20.43 17.36 2.86
CA ASP C 199 20.01 18.64 2.25
C ASP C 199 20.56 18.87 0.84
N SER C 200 21.85 18.60 0.61
CA SER C 200 22.45 18.81 -0.70
C SER C 200 21.67 18.20 -1.85
N GLU C 201 21.16 17.00 -1.62
CA GLU C 201 20.43 16.29 -2.64
C GLU C 201 18.98 16.75 -2.80
N VAL C 202 18.50 17.50 -1.83
CA VAL C 202 17.11 17.97 -1.83
C VAL C 202 16.83 19.41 -2.30
N GLU C 203 17.80 20.31 -2.17
CA GLU C 203 17.67 21.74 -2.56
C GLU C 203 16.57 22.18 -3.51
N HIS C 204 16.52 21.58 -4.69
CA HIS C 204 15.53 21.94 -5.71
C HIS C 204 14.04 21.75 -5.39
N LEU C 205 13.72 21.31 -4.17
CA LEU C 205 12.35 21.05 -3.77
C LEU C 205 11.87 22.04 -2.75
N VAL C 206 12.76 22.91 -2.29
CA VAL C 206 12.40 23.92 -1.31
C VAL C 206 11.39 24.84 -1.95
N ILE C 207 10.36 25.23 -1.20
CA ILE C 207 9.30 26.10 -1.69
C ILE C 207 9.05 27.26 -0.73
N ASP C 208 9.74 28.38 -0.96
CA ASP C 208 9.57 29.58 -0.13
C ASP C 208 8.31 30.27 -0.64
N ARG C 209 7.28 30.36 0.19
CA ARG C 209 6.05 31.02 -0.23
C ARG C 209 5.67 32.03 0.83
N LYS C 210 5.24 33.21 0.40
CA LYS C 210 4.89 34.28 1.34
C LYS C 210 3.61 34.06 2.17
N ASP C 211 2.71 33.21 1.69
CA ASP C 211 1.46 32.91 2.41
C ASP C 211 1.59 31.83 3.49
N LEU C 212 2.85 31.48 3.77
CA LEU C 212 3.20 30.49 4.77
C LEU C 212 2.82 31.05 6.14
N VAL C 213 1.64 30.66 6.61
CA VAL C 213 1.14 31.08 7.90
C VAL C 213 1.51 29.96 8.85
N MET C 214 2.40 30.20 9.80
CA MET C 214 2.74 29.15 10.74
C MET C 214 1.70 29.11 11.88
N THR C 215 0.98 28.00 12.00
CA THR C 215 -0.08 27.80 12.99
C THR C 215 0.31 27.10 14.31
N ASN C 216 1.47 26.47 14.36
CA ASN C 216 1.89 25.77 15.57
C ASN C 216 3.43 25.75 15.64
N GLN C 217 3.98 25.65 16.84
CA GLN C 217 5.43 25.68 17.04
C GLN C 217 6.05 24.28 16.98
N GLU C 218 7.25 24.19 16.40
CA GLU C 218 7.97 22.93 16.26
C GLU C 218 8.05 22.18 17.59
N ILE C 219 8.18 20.86 17.50
CA ILE C 219 8.23 20.02 18.69
C ILE C 219 9.64 19.50 19.03
N GLU C 220 9.89 19.31 20.31
CA GLU C 220 11.18 18.84 20.77
C GLU C 220 11.19 17.32 20.83
N GLN C 221 10.14 16.74 21.40
CA GLN C 221 10.04 15.30 21.52
C GLN C 221 9.33 14.67 20.31
N THR C 222 9.89 13.56 19.83
CA THR C 222 9.33 12.81 18.72
C THR C 222 8.01 12.20 19.17
N THR C 223 7.01 12.22 18.31
CA THR C 223 5.70 11.67 18.67
C THR C 223 5.17 10.82 17.52
N PRO C 224 4.50 9.72 17.82
CA PRO C 224 3.97 8.89 16.73
C PRO C 224 2.63 9.41 16.23
N LYS C 225 2.61 10.67 15.79
CA LYS C 225 1.41 11.29 15.22
C LYS C 225 1.80 12.42 14.28
N THR C 226 0.90 12.78 13.35
CA THR C 226 1.16 13.85 12.38
C THR C 226 0.99 15.21 13.05
N VAL C 227 2.09 15.92 13.31
CA VAL C 227 1.95 17.24 13.92
C VAL C 227 1.97 18.30 12.82
N ARG C 228 0.83 18.94 12.59
CA ARG C 228 0.76 19.98 11.57
C ARG C 228 1.38 21.22 12.12
N LEU C 229 2.28 21.83 11.36
CA LEU C 229 2.95 23.05 11.80
C LEU C 229 2.43 24.27 11.07
N GLY C 230 2.32 24.17 9.75
CA GLY C 230 1.85 25.32 8.99
C GLY C 230 0.84 25.00 7.92
N ILE C 231 0.31 26.07 7.35
CA ILE C 231 -0.70 26.04 6.31
C ILE C 231 -0.18 27.00 5.25
N VAL C 232 -0.47 26.73 3.98
CA VAL C 232 -0.05 27.62 2.90
C VAL C 232 -1.36 27.83 2.16
N GLY C 233 -1.56 29.00 1.58
CA GLY C 233 -2.81 29.24 0.88
C GLY C 233 -3.97 29.06 1.85
N LYS C 234 -5.03 28.37 1.41
CA LYS C 234 -6.20 28.11 2.25
C LYS C 234 -6.03 26.86 3.11
N GLY C 235 -4.92 26.15 2.95
CA GLY C 235 -4.68 24.95 3.74
C GLY C 235 -5.40 23.70 3.29
N GLY C 236 -5.66 23.59 2.00
CA GLY C 236 -6.33 22.42 1.50
C GLY C 236 -5.31 21.31 1.30
N GLN C 237 -5.75 20.21 0.71
CA GLN C 237 -4.86 19.10 0.47
C GLN C 237 -3.64 19.60 -0.29
N GLY C 238 -2.46 19.25 0.22
CA GLY C 238 -1.24 19.66 -0.45
C GLY C 238 -0.65 20.98 0.05
N GLU C 239 -1.43 21.75 0.80
CA GLU C 239 -0.88 22.99 1.31
C GLU C 239 -0.82 23.06 2.81
N ARG C 240 -0.42 21.96 3.42
CA ARG C 240 -0.29 21.87 4.87
C ARG C 240 1.10 21.30 5.11
N ILE C 241 1.81 21.88 6.07
CA ILE C 241 3.17 21.50 6.39
C ILE C 241 3.22 20.82 7.75
N TYR C 242 3.92 19.69 7.81
CA TYR C 242 4.03 18.91 9.02
C TYR C 242 5.46 18.88 9.51
N SER C 243 5.61 18.46 10.76
CA SER C 243 6.91 18.37 11.37
C SER C 243 7.60 17.05 11.07
N THR C 244 8.90 17.13 10.80
CA THR C 244 9.69 15.94 10.52
C THR C 244 9.91 15.12 11.77
N ARG C 245 9.31 15.57 12.88
CA ARG C 245 9.41 14.89 14.15
C ARG C 245 8.21 13.96 14.38
N GLY C 246 7.21 14.07 13.52
CA GLY C 246 6.05 13.24 13.64
C GLY C 246 6.13 12.18 12.56
N ILE C 247 4.98 11.84 12.00
CA ILE C 247 4.94 10.82 10.95
C ILE C 247 4.36 11.36 9.66
N ALA C 248 4.86 10.90 8.53
CA ALA C 248 4.36 11.36 7.25
C ALA C 248 2.87 11.09 7.12
N ILE C 249 2.15 12.01 6.52
CA ILE C 249 0.74 11.85 6.31
C ILE C 249 0.64 10.89 5.15
N THR C 250 -0.54 10.32 4.91
CA THR C 250 -0.71 9.40 3.80
C THR C 250 -0.25 9.99 2.45
N LEU C 251 0.66 9.32 1.72
CA LEU C 251 1.08 9.81 0.39
C LEU C 251 -0.05 9.46 -0.57
N SER C 252 -0.37 10.31 -1.54
CA SER C 252 -1.47 10.06 -2.47
C SER C 252 -0.97 10.06 -3.87
N ALA C 253 -1.82 9.59 -4.78
CA ALA C 253 -1.47 9.46 -6.21
C ALA C 253 -1.90 10.57 -7.15
N TYR C 254 -3.09 11.12 -6.93
CA TYR C 254 -3.59 12.18 -7.78
C TYR C 254 -3.65 13.50 -7.08
N GLY C 255 -3.12 13.51 -5.87
CA GLY C 255 -3.12 14.70 -5.06
C GLY C 255 -2.55 15.91 -5.73
N GLY C 256 -3.04 17.07 -5.31
CA GLY C 256 -2.60 18.34 -5.87
C GLY C 256 -2.06 19.20 -4.75
N GLY C 257 -1.90 20.51 -5.00
CA GLY C 257 -1.34 21.39 -3.99
C GLY C 257 0.11 21.67 -4.31
N ILE C 258 0.69 22.70 -3.73
CA ILE C 258 2.08 23.01 -4.05
C ILE C 258 2.98 21.87 -3.57
N PHE C 259 2.61 21.28 -2.45
CA PHE C 259 3.38 20.16 -1.88
C PHE C 259 2.64 18.88 -2.31
N ALA C 260 2.32 18.81 -3.60
CA ALA C 260 1.57 17.72 -4.17
C ALA C 260 1.97 16.33 -3.80
N LYS C 261 0.96 15.51 -3.54
CA LYS C 261 1.14 14.09 -3.27
C LYS C 261 1.91 13.64 -2.03
N THR C 262 2.90 14.40 -1.58
CA THR C 262 3.70 13.99 -0.44
C THR C 262 3.43 14.83 0.80
N GLY C 263 2.86 16.01 0.59
CA GLY C 263 2.61 16.92 1.70
C GLY C 263 3.90 17.70 1.87
N GLY C 264 3.92 18.68 2.76
CA GLY C 264 5.13 19.47 2.93
C GLY C 264 5.66 19.40 4.33
N TYR C 265 6.97 19.31 4.46
CA TYR C 265 7.58 19.20 5.76
C TYR C 265 8.56 20.33 6.00
N LEU C 266 8.71 20.68 7.28
CA LEU C 266 9.65 21.73 7.69
C LEU C 266 10.98 21.08 7.99
N VAL C 267 11.84 21.01 7.00
CA VAL C 267 13.15 20.40 7.16
C VAL C 267 14.25 21.44 7.34
N ASN C 268 14.80 21.50 8.54
CA ASN C 268 15.89 22.44 8.87
C ASN C 268 15.64 23.89 8.49
N GLY C 269 14.54 24.46 8.97
CA GLY C 269 14.23 25.85 8.67
C GLY C 269 13.56 26.10 7.34
N LYS C 270 13.64 25.13 6.44
CA LYS C 270 13.05 25.23 5.10
C LYS C 270 11.77 24.41 4.95
N THR C 271 10.88 24.86 4.07
CA THR C 271 9.61 24.20 3.82
C THR C 271 9.73 23.50 2.47
N ARG C 272 9.60 22.16 2.44
CA ARG C 272 9.74 21.37 1.20
C ARG C 272 8.91 20.09 1.14
N LYS C 273 8.76 19.55 -0.06
CA LYS C 273 8.01 18.29 -0.25
C LYS C 273 9.01 17.12 -0.18
N LEU C 274 8.57 15.88 -0.33
CA LEU C 274 9.50 14.75 -0.23
C LEU C 274 10.06 14.31 -1.58
N HIS C 275 11.31 13.85 -1.58
CA HIS C 275 12.00 13.35 -2.79
C HIS C 275 11.43 11.96 -3.06
N PRO C 276 11.47 11.47 -4.31
CA PRO C 276 10.90 10.14 -4.50
C PRO C 276 11.50 9.06 -3.60
N ARG C 277 12.79 9.14 -3.35
CA ARG C 277 13.46 8.18 -2.48
C ARG C 277 12.87 8.22 -1.04
N GLU C 278 12.53 9.41 -0.54
CA GLU C 278 11.98 9.49 0.80
C GLU C 278 10.57 8.91 0.83
N CYS C 279 9.88 8.93 -0.30
CA CYS C 279 8.56 8.32 -0.33
C CYS C 279 8.82 6.83 -0.24
N ALA C 280 9.78 6.34 -1.04
CA ALA C 280 10.14 4.92 -1.05
C ALA C 280 10.41 4.51 0.39
N ARG C 281 11.23 5.28 1.06
CA ARG C 281 11.55 4.97 2.45
C ARG C 281 10.34 5.06 3.36
N VAL C 282 9.48 6.05 3.16
CA VAL C 282 8.29 6.23 3.98
C VAL C 282 7.29 5.12 3.70
N MET C 283 7.49 4.38 2.62
CA MET C 283 6.64 3.26 2.25
C MET C 283 7.34 1.95 2.58
N GLY C 284 8.58 2.03 3.04
CA GLY C 284 9.31 0.82 3.39
C GLY C 284 9.95 0.12 2.23
N TYR C 285 10.29 0.83 1.17
CA TYR C 285 10.94 0.21 0.02
C TYR C 285 12.45 0.23 0.22
N PRO C 286 13.16 -0.82 -0.21
CA PRO C 286 14.61 -0.82 -0.01
C PRO C 286 15.26 0.20 -0.92
N ASP C 287 16.37 0.79 -0.49
CA ASP C 287 17.06 1.80 -1.30
C ASP C 287 17.60 1.23 -2.62
N SER C 288 17.56 -0.10 -2.75
CA SER C 288 18.04 -0.77 -3.96
C SER C 288 16.98 -0.73 -5.04
N TYR C 289 15.76 -0.34 -4.65
CA TYR C 289 14.66 -0.26 -5.59
C TYR C 289 14.84 0.90 -6.55
N LYS C 290 14.73 0.62 -7.83
CA LYS C 290 14.84 1.66 -8.84
C LYS C 290 13.53 2.42 -9.01
N VAL C 291 13.51 3.71 -8.69
CA VAL C 291 12.29 4.51 -8.84
C VAL C 291 12.24 4.97 -10.30
N HIS C 292 11.03 5.18 -10.82
CA HIS C 292 10.83 5.60 -12.21
C HIS C 292 11.50 6.94 -12.46
N PRO C 293 12.03 7.15 -13.69
CA PRO C 293 12.71 8.40 -14.04
C PRO C 293 11.92 9.70 -13.97
N SER C 294 10.62 9.62 -14.26
CA SER C 294 9.73 10.77 -14.22
C SER C 294 9.23 10.98 -12.81
N THR C 295 9.73 12.01 -12.13
CA THR C 295 9.30 12.23 -10.76
C THR C 295 7.78 12.27 -10.56
N SER C 296 7.03 12.76 -11.54
CA SER C 296 5.58 12.82 -11.38
C SER C 296 4.93 11.44 -11.38
N GLN C 297 5.50 10.52 -12.14
CA GLN C 297 4.97 9.18 -12.20
C GLN C 297 5.48 8.38 -11.00
N ALA C 298 6.62 8.78 -10.45
CA ALA C 298 7.16 8.08 -9.29
C ALA C 298 6.25 8.36 -8.11
N TYR C 299 5.91 9.62 -7.89
CA TYR C 299 5.03 10.01 -6.80
C TYR C 299 3.67 9.36 -6.95
N LYS C 300 3.15 9.34 -8.18
CA LYS C 300 1.85 8.73 -8.41
C LYS C 300 1.94 7.29 -8.00
N GLN C 301 3.03 6.64 -8.41
CA GLN C 301 3.30 5.24 -8.10
C GLN C 301 3.38 4.89 -6.63
N PHE C 302 4.15 5.66 -5.89
CA PHE C 302 4.28 5.41 -4.45
C PHE C 302 3.04 5.81 -3.74
N GLY C 303 2.32 6.75 -4.31
CA GLY C 303 1.08 7.23 -3.72
C GLY C 303 0.03 6.15 -3.57
N ASN C 304 -0.15 5.27 -4.55
CA ASN C 304 -1.15 4.24 -4.35
C ASN C 304 -0.55 2.86 -4.10
N SER C 305 0.69 2.87 -3.62
CA SER C 305 1.39 1.64 -3.33
C SER C 305 0.96 1.11 -1.97
N VAL C 306 1.81 0.26 -1.38
CA VAL C 306 1.49 -0.34 -0.10
C VAL C 306 2.72 -0.42 0.79
N VAL C 307 2.53 -0.27 2.11
CA VAL C 307 3.67 -0.28 3.03
C VAL C 307 4.19 -1.72 3.26
N ILE C 308 5.25 -2.06 2.51
CA ILE C 308 5.85 -3.37 2.57
C ILE C 308 5.91 -3.98 3.95
N ASN C 309 6.64 -3.36 4.89
CA ASN C 309 6.80 -3.92 6.24
C ASN C 309 5.53 -4.56 6.74
N VAL C 310 4.40 -3.89 6.55
CA VAL C 310 3.12 -4.40 7.01
C VAL C 310 2.75 -5.72 6.32
N LEU C 311 2.83 -5.73 4.99
CA LEU C 311 2.52 -6.91 4.22
C LEU C 311 3.44 -8.07 4.57
N GLN C 312 4.66 -7.77 4.99
CA GLN C 312 5.60 -8.81 5.37
C GLN C 312 5.10 -9.57 6.58
N TYR C 313 4.76 -8.84 7.63
CA TYR C 313 4.24 -9.49 8.82
C TYR C 313 3.02 -10.34 8.45
N ILE C 314 2.05 -9.76 7.77
CA ILE C 314 0.85 -10.52 7.41
C ILE C 314 1.14 -11.73 6.57
N ALA C 315 1.98 -11.57 5.54
CA ALA C 315 2.33 -12.69 4.69
C ALA C 315 2.95 -13.80 5.52
N TYR C 316 3.71 -13.40 6.52
CA TYR C 316 4.35 -14.34 7.41
C TYR C 316 3.34 -15.18 8.16
N ASN C 317 2.38 -14.53 8.79
CA ASN C 317 1.32 -15.21 9.53
C ASN C 317 0.43 -16.04 8.64
N ILE C 318 0.28 -15.61 7.38
CA ILE C 318 -0.52 -16.34 6.41
C ILE C 318 0.22 -17.65 6.24
N GLY C 319 1.54 -17.55 6.11
CA GLY C 319 2.40 -18.72 5.95
C GLY C 319 2.31 -19.65 7.14
N SER C 320 2.45 -19.11 8.33
CA SER C 320 2.37 -19.91 9.54
C SER C 320 1.09 -20.75 9.52
N SER C 321 -0.08 -20.11 9.50
CA SER C 321 -1.36 -20.84 9.48
C SER C 321 -1.40 -22.00 8.50
N LEU C 322 -0.78 -21.82 7.34
CA LEU C 322 -0.78 -22.86 6.33
C LEU C 322 0.15 -23.99 6.70
N ASN C 323 1.23 -23.67 7.38
CA ASN C 323 2.21 -24.68 7.76
C ASN C 323 1.93 -25.43 9.03
N PHE C 324 0.80 -25.16 9.67
CA PHE C 324 0.45 -25.87 10.91
C PHE C 324 -0.46 -27.02 10.50
N LYS C 325 0.13 -28.17 10.20
CA LYS C 325 -0.64 -29.35 9.82
C LYS C 325 -0.26 -30.52 10.73
N PRO C 326 -0.53 -30.41 12.03
CA PRO C 326 -0.18 -31.50 12.93
C PRO C 326 -0.99 -32.78 12.66
N TYR C 327 -0.60 -33.87 13.31
CA TYR C 327 -1.26 -35.15 13.15
C TYR C 327 -2.35 -35.26 14.16
#